data_4URU
#
_entry.id   4URU
#
_cell.length_a   149.282
_cell.length_b   149.282
_cell.length_c   200.517
_cell.angle_alpha   90.00
_cell.angle_beta   90.00
_cell.angle_gamma   90.00
#
_symmetry.space_group_name_H-M   'I 4 2 2'
#
loop_
_entity.id
_entity.type
_entity.pdbx_description
1 polymer 'GTPASE HRAS'
2 polymer 'SON OF SEVENLESS HOMOLOG 1'
3 non-polymer 4-METHOXY-N-(1,3-THIAZOL-2-YL)BENZENESULFONAMIDE
4 water water
#
loop_
_entity_poly.entity_id
_entity_poly.type
_entity_poly.pdbx_seq_one_letter_code
_entity_poly.pdbx_strand_id
1 'polypeptide(L)'
;MHHHHHHGGGENLYFQGSHMTEYKLVVVGAGGVGKSALTIQLIQNHFVDEYDPTIEDSYRKQVVIDGETCLLDILDTAGQ
EEYSAMRDQYMRTGEGFLCVFAINNTKSFEDIHQYREQIKRVKDSDDVPMVLVGNKCDLAARTVESRQAQDLARSYGIPY
IETSAKTRQGVEDAFYTLVREIRQH
;
R
2 'polypeptide(L)'
;MEEQMRLPSADVYRFAEPDSEENIIFEENMQPKAGIPIIKAGTVIKLIERLTYHMYADPNFVRTFLTTYRSFCKPQELLS
LIIERFEIPEPEPTEADRIAIENGDQPLSAELKRFRKEYIQPVQLRVLNVCRHWVEHHFYDFERDAYLLQRMEEFIGTVR
GKAMKKWVESITKIIQRKKIARDNGPGHNITFQSSPPTVEWHISRPGHIETFDLLTLHPIEIARQLTLLESDLYRAVQPS
ELVGSVWTKEDKEINSPNLLKMIRHTTNLTLWFEKCIVETENLEERVAVVSRIIEILQVFQELNNFNGVLEVVSAMNSSP
VYRLDHTFEQIPSRQKKILEEAHELSEDHYKKYLAKLRSINPPCVPFFGIYLTNILKTEEGNPEVLKRHGKELINFSKRR
KVAEITGEIQQYQNQPYCLRVESDIKRFFENLNPMGNSMEKEFTDYLFNKSLEIEPRNPKPLPRFPKKYSYPLKSPGVRP
SNPRPGT
;
S
#
loop_
_chem_comp.id
_chem_comp.type
_chem_comp.name
_chem_comp.formula
6W2 non-polymer 4-METHOXY-N-(1,3-THIAZOL-2-YL)BENZENESULFONAMIDE 'C10 H10 N2 O3 S2'
#
# COMPACT_ATOMS: atom_id res chain seq x y z
N HIS A 19 9.54 -28.40 19.07
CA HIS A 19 9.41 -27.11 18.40
C HIS A 19 10.68 -26.24 18.51
N MET A 20 11.25 -25.78 17.36
CA MET A 20 12.41 -24.87 17.40
C MET A 20 11.97 -23.46 17.81
N THR A 21 12.91 -22.69 18.37
CA THR A 21 12.64 -21.33 18.83
C THR A 21 12.35 -20.42 17.64
N GLU A 22 11.24 -19.66 17.74
CA GLU A 22 10.80 -18.74 16.71
C GLU A 22 10.90 -17.34 17.30
N TYR A 23 11.68 -16.48 16.62
CA TYR A 23 11.93 -15.09 17.04
C TYR A 23 11.14 -14.12 16.17
N LYS A 24 10.27 -13.32 16.80
CA LYS A 24 9.44 -12.32 16.14
C LYS A 24 10.15 -10.97 16.18
N LEU A 25 10.74 -10.59 15.04
CA LEU A 25 11.52 -9.37 14.90
C LEU A 25 10.73 -8.32 14.13
N VAL A 26 10.83 -7.05 14.54
CA VAL A 26 10.09 -5.94 13.92
C VAL A 26 11.07 -4.87 13.43
N VAL A 27 11.04 -4.60 12.14
CA VAL A 27 11.88 -3.54 11.57
C VAL A 27 11.11 -2.21 11.69
N VAL A 28 11.75 -1.16 12.23
CA VAL A 28 11.15 0.17 12.35
C VAL A 28 12.11 1.22 11.83
N GLY A 29 11.56 2.26 11.26
CA GLY A 29 12.36 3.34 10.73
C GLY A 29 11.62 4.21 9.75
N ALA A 30 12.22 5.34 9.43
CA ALA A 30 11.67 6.27 8.45
C ALA A 30 11.45 5.61 7.10
N GLY A 31 10.51 6.17 6.35
CA GLY A 31 10.24 5.74 4.99
C GLY A 31 11.04 6.55 3.98
N GLY A 32 10.93 6.18 2.70
CA GLY A 32 11.59 6.87 1.60
C GLY A 32 13.10 6.81 1.55
N VAL A 33 13.72 5.84 2.30
CA VAL A 33 15.16 5.72 2.40
C VAL A 33 15.67 4.25 2.34
N GLY A 34 14.94 3.36 1.65
CA GLY A 34 15.35 1.97 1.42
C GLY A 34 15.47 0.99 2.59
N LYS A 35 14.72 1.20 3.66
CA LYS A 35 14.69 0.29 4.82
C LYS A 35 14.31 -1.18 4.46
N SER A 36 13.44 -1.35 3.44
CA SER A 36 12.97 -2.65 2.92
C SER A 36 14.11 -3.56 2.45
N ALA A 37 15.21 -2.98 1.95
CA ALA A 37 16.38 -3.72 1.46
C ALA A 37 16.97 -4.66 2.48
N LEU A 38 17.05 -4.21 3.72
CA LEU A 38 17.65 -4.94 4.83
C LEU A 38 17.03 -6.37 4.95
N THR A 39 15.71 -6.44 5.09
CA THR A 39 14.99 -7.72 5.24
C THR A 39 14.95 -8.51 3.95
N ILE A 40 14.90 -7.83 2.82
CA ILE A 40 14.86 -8.51 1.54
C ILE A 40 16.14 -9.28 1.37
N GLN A 41 17.27 -8.60 1.52
CA GLN A 41 18.60 -9.19 1.43
C GLN A 41 18.82 -10.30 2.42
N LEU A 42 18.23 -10.22 3.62
CA LEU A 42 18.35 -11.34 4.58
C LEU A 42 17.65 -12.57 4.00
N ILE A 43 16.36 -12.43 3.69
CA ILE A 43 15.48 -13.54 3.28
C ILE A 43 15.89 -14.15 1.98
N GLN A 44 16.13 -13.35 0.95
CA GLN A 44 16.53 -13.93 -0.33
C GLN A 44 17.96 -14.50 -0.26
N ASN A 45 18.28 -15.47 -1.12
CA ASN A 45 19.63 -16.09 -1.13
C ASN A 45 20.65 -15.08 -1.64
N HIS A 46 21.95 -15.35 -1.36
CA HIS A 46 23.03 -14.42 -1.73
C HIS A 46 23.22 -14.24 -3.26
N PHE A 47 22.69 -15.19 -4.09
CA PHE A 47 22.81 -15.16 -5.55
C PHE A 47 21.46 -15.22 -6.26
N VAL A 48 20.40 -14.95 -5.49
CA VAL A 48 19.01 -14.92 -5.94
C VAL A 48 18.56 -13.48 -5.73
N ASP A 49 18.44 -12.69 -6.82
CA ASP A 49 18.01 -11.29 -6.72
C ASP A 49 16.49 -11.14 -7.01
N GLU A 50 15.72 -12.26 -6.97
CA GLU A 50 14.27 -12.28 -7.20
C GLU A 50 13.52 -12.26 -5.86
N TYR A 51 12.34 -11.58 -5.81
CA TYR A 51 11.53 -11.46 -4.58
C TYR A 51 10.04 -11.33 -4.88
N ASP A 52 9.20 -12.12 -4.17
CA ASP A 52 7.74 -12.06 -4.27
C ASP A 52 7.23 -11.85 -2.86
N PRO A 53 6.92 -10.60 -2.45
CA PRO A 53 6.47 -10.37 -1.06
C PRO A 53 5.15 -11.06 -0.68
N THR A 54 4.40 -11.55 -1.69
CA THR A 54 3.14 -12.29 -1.57
C THR A 54 3.25 -13.64 -0.84
N ILE A 55 4.31 -14.41 -1.11
CA ILE A 55 4.48 -15.77 -0.58
C ILE A 55 4.97 -15.79 0.90
N GLU A 56 4.58 -16.84 1.70
CA GLU A 56 4.95 -17.00 3.13
C GLU A 56 6.47 -17.06 3.41
N ASP A 57 7.21 -17.80 2.55
CA ASP A 57 8.67 -17.96 2.62
C ASP A 57 9.40 -16.61 2.63
N SER A 58 8.72 -15.51 2.15
CA SER A 58 9.28 -14.17 1.99
C SER A 58 9.50 -13.39 3.31
N TYR A 59 8.98 -13.88 4.46
CA TYR A 59 9.22 -13.23 5.78
C TYR A 59 9.62 -14.20 6.91
N ARG A 60 9.79 -15.51 6.64
CA ARG A 60 10.23 -16.49 7.64
C ARG A 60 11.49 -17.16 7.15
N LYS A 61 12.49 -17.30 8.02
CA LYS A 61 13.75 -17.91 7.59
C LYS A 61 14.36 -18.76 8.66
N GLN A 62 14.77 -19.99 8.30
CA GLN A 62 15.45 -20.84 9.27
C GLN A 62 16.93 -20.46 9.24
N VAL A 63 17.53 -20.30 10.42
CA VAL A 63 18.93 -19.91 10.52
C VAL A 63 19.60 -20.61 11.66
N VAL A 64 20.92 -20.70 11.62
CA VAL A 64 21.74 -21.24 12.71
C VAL A 64 22.55 -20.06 13.23
N ILE A 65 22.35 -19.68 14.51
CA ILE A 65 23.05 -18.56 15.14
C ILE A 65 23.72 -19.11 16.40
N ASP A 66 25.08 -18.98 16.47
CA ASP A 66 25.89 -19.47 17.60
C ASP A 66 25.63 -20.98 17.81
N GLY A 67 25.55 -21.70 16.69
CA GLY A 67 25.28 -23.15 16.66
C GLY A 67 23.86 -23.60 16.99
N GLU A 68 22.98 -22.70 17.49
CA GLU A 68 21.62 -23.02 17.89
C GLU A 68 20.62 -22.57 16.82
N THR A 69 20.02 -23.56 16.10
CA THR A 69 19.03 -23.34 15.04
C THR A 69 17.76 -22.67 15.59
N CYS A 70 17.15 -21.82 14.77
CA CYS A 70 15.93 -21.08 15.11
C CYS A 70 15.25 -20.58 13.85
N LEU A 71 14.03 -20.07 14.02
CA LEU A 71 13.23 -19.48 12.96
C LEU A 71 13.10 -17.99 13.28
N LEU A 72 13.28 -17.14 12.24
CA LEU A 72 13.17 -15.69 12.33
C LEU A 72 11.93 -15.26 11.58
N ASP A 73 10.95 -14.71 12.27
CA ASP A 73 9.73 -14.20 11.64
C ASP A 73 9.88 -12.66 11.61
N ILE A 74 10.05 -12.09 10.43
CA ILE A 74 10.32 -10.65 10.32
C ILE A 74 9.13 -9.86 9.80
N LEU A 75 8.74 -8.81 10.56
CA LEU A 75 7.71 -7.85 10.16
C LEU A 75 8.35 -6.52 9.73
N ASP A 76 8.23 -6.18 8.45
CA ASP A 76 8.70 -4.90 7.90
C ASP A 76 7.51 -4.29 7.16
N THR A 77 6.90 -3.23 7.73
CA THR A 77 5.73 -2.59 7.09
C THR A 77 6.13 -1.45 6.15
N ALA A 78 7.35 -1.49 5.59
CA ALA A 78 7.80 -0.56 4.59
C ALA A 78 6.61 -0.22 3.65
N GLY A 79 6.32 1.08 3.50
CA GLY A 79 5.23 1.57 2.67
C GLY A 79 4.00 2.04 3.44
N GLN A 80 3.86 1.62 4.70
CA GLN A 80 2.72 1.98 5.53
C GLN A 80 3.01 3.04 6.60
N GLU A 81 4.06 3.84 6.40
CA GLU A 81 4.47 4.91 7.32
C GLU A 81 3.37 5.92 7.61
N GLU A 82 2.53 6.25 6.62
CA GLU A 82 1.42 7.17 6.85
C GLU A 82 0.34 6.63 7.79
N TYR A 83 0.27 5.31 7.98
CA TYR A 83 -0.67 4.71 8.93
C TYR A 83 0.01 4.78 10.30
N SER A 84 0.21 6.00 10.82
CA SER A 84 0.94 6.20 12.08
C SER A 84 0.24 5.66 13.32
N ALA A 85 -1.12 5.60 13.31
CA ALA A 85 -1.86 5.06 14.45
C ALA A 85 -1.81 3.52 14.51
N MET A 86 -1.21 2.86 13.50
CA MET A 86 -1.02 1.42 13.51
C MET A 86 0.34 1.01 14.05
N ARG A 87 1.28 1.94 14.33
CA ARG A 87 2.59 1.57 14.86
C ARG A 87 2.51 0.76 16.12
N ASP A 88 1.84 1.27 17.16
CA ASP A 88 1.72 0.58 18.47
C ASP A 88 1.31 -0.89 18.31
N GLN A 89 0.25 -1.14 17.55
CA GLN A 89 -0.22 -2.48 17.25
C GLN A 89 0.90 -3.33 16.62
N TYR A 90 1.42 -2.94 15.43
CA TYR A 90 2.52 -3.62 14.74
C TYR A 90 3.73 -3.84 15.69
N MET A 91 4.11 -2.80 16.41
CA MET A 91 5.22 -2.86 17.36
C MET A 91 5.02 -3.82 18.52
N ARG A 92 3.80 -3.96 19.06
CA ARG A 92 3.62 -4.84 20.22
C ARG A 92 3.84 -6.34 19.91
N THR A 93 3.81 -6.72 18.63
CA THR A 93 4.01 -8.11 18.23
C THR A 93 5.47 -8.58 18.35
N GLY A 94 6.43 -7.66 18.43
CA GLY A 94 7.84 -8.01 18.42
C GLY A 94 8.52 -8.34 19.73
N GLU A 95 9.46 -9.30 19.68
CA GLU A 95 10.35 -9.66 20.78
C GLU A 95 11.55 -8.69 20.73
N GLY A 96 12.05 -8.45 19.52
CA GLY A 96 13.18 -7.57 19.27
C GLY A 96 12.95 -6.64 18.11
N PHE A 97 13.72 -5.52 18.06
CA PHE A 97 13.55 -4.49 17.05
C PHE A 97 14.82 -4.03 16.36
N LEU A 98 14.72 -3.80 15.05
CA LEU A 98 15.78 -3.24 14.26
C LEU A 98 15.35 -1.84 13.95
N CYS A 99 15.99 -0.85 14.59
CA CYS A 99 15.75 0.57 14.34
C CYS A 99 16.67 1.01 13.24
N VAL A 100 16.15 1.11 12.00
CA VAL A 100 16.90 1.44 10.81
C VAL A 100 16.83 2.92 10.45
N PHE A 101 17.97 3.48 9.99
CA PHE A 101 18.11 4.81 9.41
C PHE A 101 19.03 4.71 8.23
N ALA A 102 19.09 5.76 7.42
CA ALA A 102 19.94 5.83 6.25
C ALA A 102 21.09 6.73 6.51
N ILE A 103 22.31 6.28 6.19
CA ILE A 103 23.52 7.08 6.44
C ILE A 103 23.59 8.36 5.50
N ASN A 104 22.68 8.49 4.50
CA ASN A 104 22.57 9.69 3.63
C ASN A 104 21.32 10.51 3.98
N ASN A 105 20.74 10.35 5.16
CA ASN A 105 19.52 11.07 5.52
C ASN A 105 19.52 11.34 7.02
N THR A 106 19.82 12.57 7.39
CA THR A 106 19.89 12.97 8.78
C THR A 106 18.54 12.93 9.47
N LYS A 107 17.45 13.20 8.74
CA LYS A 107 16.13 13.21 9.36
C LYS A 107 15.79 11.83 9.85
N SER A 108 16.12 10.78 9.06
CA SER A 108 15.89 9.38 9.45
C SER A 108 16.68 9.00 10.69
N PHE A 109 17.87 9.57 10.87
CA PHE A 109 18.69 9.40 12.06
C PHE A 109 18.07 10.12 13.26
N GLU A 110 17.60 11.36 13.01
CA GLU A 110 16.97 12.17 14.06
C GLU A 110 15.66 11.57 14.52
N ASP A 111 14.97 10.80 13.66
CA ASP A 111 13.73 10.10 14.04
C ASP A 111 13.92 8.87 14.97
N ILE A 112 15.11 8.24 15.03
CA ILE A 112 15.33 7.05 15.88
C ILE A 112 14.98 7.28 17.36
N HIS A 113 15.25 8.48 17.89
CA HIS A 113 14.92 8.77 19.28
C HIS A 113 13.43 8.47 19.54
N GLN A 114 12.51 8.94 18.69
CA GLN A 114 11.09 8.72 18.91
C GLN A 114 10.63 7.31 18.65
N TYR A 115 11.19 6.64 17.62
CA TYR A 115 10.88 5.23 17.36
C TYR A 115 11.16 4.40 18.60
N ARG A 116 12.35 4.55 19.17
CA ARG A 116 12.78 3.89 20.41
C ARG A 116 11.86 4.24 21.61
N GLU A 117 11.47 5.53 21.78
CA GLU A 117 10.56 5.93 22.87
C GLU A 117 9.18 5.29 22.70
N GLN A 118 8.76 5.09 21.45
CA GLN A 118 7.50 4.41 21.17
C GLN A 118 7.56 2.93 21.53
N ILE A 119 8.68 2.24 21.14
CA ILE A 119 8.88 0.81 21.39
C ILE A 119 8.81 0.55 22.88
N LYS A 120 9.51 1.39 23.65
CA LYS A 120 9.53 1.32 25.10
C LYS A 120 8.15 1.53 25.70
N ARG A 121 7.39 2.50 25.18
CA ARG A 121 6.02 2.77 25.66
C ARG A 121 5.10 1.57 25.35
N VAL A 122 5.23 1.00 24.16
CA VAL A 122 4.42 -0.17 23.75
C VAL A 122 4.73 -1.41 24.56
N LYS A 123 6.03 -1.69 24.78
CA LYS A 123 6.46 -2.85 25.52
C LYS A 123 6.43 -2.61 27.01
N ASP A 124 6.20 -1.36 27.46
CA ASP A 124 6.17 -1.02 28.90
C ASP A 124 7.47 -1.49 29.57
N SER A 125 8.61 -1.13 28.97
CA SER A 125 9.90 -1.58 29.44
C SER A 125 11.01 -0.62 28.97
N ASP A 126 12.04 -0.44 29.80
CA ASP A 126 13.23 0.36 29.46
C ASP A 126 14.22 -0.53 28.76
N ASP A 127 14.17 -1.87 29.04
CA ASP A 127 15.06 -2.86 28.45
C ASP A 127 14.32 -3.71 27.40
N VAL A 128 14.38 -3.27 26.13
CA VAL A 128 13.75 -4.02 25.02
C VAL A 128 14.87 -4.48 24.06
N PRO A 129 15.01 -5.79 23.72
CA PRO A 129 16.04 -6.19 22.75
C PRO A 129 15.91 -5.36 21.46
N MET A 130 16.93 -4.60 21.18
CA MET A 130 16.92 -3.57 20.15
C MET A 130 18.30 -3.35 19.64
N VAL A 131 18.37 -2.98 18.39
CA VAL A 131 19.60 -2.82 17.65
C VAL A 131 19.45 -1.62 16.71
N LEU A 132 20.48 -0.77 16.61
CA LEU A 132 20.47 0.39 15.73
C LEU A 132 21.17 -0.02 14.43
N VAL A 133 20.51 0.17 13.26
CA VAL A 133 21.07 -0.18 11.94
C VAL A 133 21.19 1.06 11.07
N GLY A 134 22.38 1.29 10.52
CA GLY A 134 22.67 2.39 9.63
C GLY A 134 22.87 1.82 8.24
N ASN A 135 21.89 2.00 7.38
CA ASN A 135 21.90 1.43 6.02
C ASN A 135 22.44 2.40 4.96
N LYS A 136 23.31 1.92 4.05
CA LYS A 136 23.87 2.67 2.92
C LYS A 136 23.10 2.19 1.69
N CYS A 137 22.06 2.97 1.26
CA CYS A 137 21.14 2.56 0.17
C CYS A 137 21.57 3.04 -1.22
N ASP A 138 22.53 3.95 -1.31
CA ASP A 138 22.99 4.42 -2.62
C ASP A 138 24.38 5.00 -2.50
N LEU A 139 24.95 5.44 -3.64
CA LEU A 139 26.26 6.10 -3.62
C LEU A 139 26.13 7.61 -3.29
N ALA A 140 24.95 8.03 -2.75
CA ALA A 140 24.75 9.39 -2.30
C ALA A 140 25.66 9.69 -1.09
N ALA A 141 25.89 10.96 -0.87
CA ALA A 141 26.76 11.46 0.19
C ALA A 141 26.30 11.02 1.55
N ARG A 142 27.23 10.51 2.37
CA ARG A 142 26.97 10.15 3.76
C ARG A 142 26.87 11.45 4.51
N THR A 143 25.78 11.62 5.28
CA THR A 143 25.52 12.78 6.12
C THR A 143 25.50 12.40 7.59
N VAL A 144 25.72 11.12 7.91
CA VAL A 144 25.74 10.59 9.29
C VAL A 144 27.01 9.78 9.43
N GLU A 145 27.93 10.25 10.28
CA GLU A 145 29.21 9.59 10.47
C GLU A 145 28.99 8.45 11.44
N SER A 146 29.69 7.34 11.19
CA SER A 146 29.61 6.15 12.05
C SER A 146 29.76 6.52 13.52
N ARG A 147 30.64 7.53 13.86
CA ARG A 147 30.85 7.90 15.26
C ARG A 147 29.59 8.52 15.90
N GLN A 148 28.84 9.39 15.17
CA GLN A 148 27.57 9.96 15.66
C GLN A 148 26.63 8.85 16.05
N ALA A 149 26.53 7.86 15.16
CA ALA A 149 25.65 6.71 15.33
C ALA A 149 26.13 5.79 16.43
N GLN A 150 27.46 5.56 16.52
CA GLN A 150 28.01 4.70 17.59
C GLN A 150 27.76 5.34 18.96
N ASP A 151 27.94 6.69 19.04
CA ASP A 151 27.65 7.47 20.26
C ASP A 151 26.20 7.35 20.69
N LEU A 152 25.29 7.55 19.75
CA LEU A 152 23.85 7.44 20.02
C LEU A 152 23.52 6.03 20.51
N ALA A 153 24.06 4.99 19.86
CA ALA A 153 23.75 3.63 20.28
C ALA A 153 24.24 3.37 21.70
N ARG A 154 25.42 3.96 22.08
CA ARG A 154 25.97 3.84 23.44
C ARG A 154 25.09 4.53 24.46
N SER A 155 24.59 5.75 24.16
CA SER A 155 23.69 6.50 25.04
C SER A 155 22.44 5.66 25.38
N TYR A 156 21.88 4.97 24.37
CA TYR A 156 20.71 4.08 24.53
C TYR A 156 21.11 2.72 25.11
N GLY A 157 22.38 2.33 24.94
CA GLY A 157 22.86 1.07 25.46
C GLY A 157 22.47 -0.09 24.58
N ILE A 158 22.63 0.06 23.25
CA ILE A 158 22.29 -0.99 22.28
C ILE A 158 23.40 -1.09 21.23
N PRO A 159 23.51 -2.22 20.53
CA PRO A 159 24.52 -2.31 19.46
C PRO A 159 24.22 -1.42 18.28
N TYR A 160 25.27 -1.17 17.47
CA TYR A 160 25.16 -0.43 16.22
C TYR A 160 25.77 -1.27 15.13
N ILE A 161 25.03 -1.48 14.03
CA ILE A 161 25.52 -2.23 12.86
C ILE A 161 25.31 -1.37 11.64
N GLU A 162 26.27 -1.32 10.71
CA GLU A 162 26.10 -0.63 9.44
C GLU A 162 25.99 -1.69 8.38
N THR A 163 25.11 -1.47 7.41
CA THR A 163 24.84 -2.42 6.35
C THR A 163 24.83 -1.71 5.04
N SER A 164 25.12 -2.45 3.96
CA SER A 164 25.10 -1.95 2.60
C SER A 164 24.00 -2.68 1.85
N ALA A 165 23.10 -1.92 1.18
CA ALA A 165 22.01 -2.50 0.39
C ALA A 165 22.60 -3.05 -0.92
N LYS A 166 23.48 -2.31 -1.54
CA LYS A 166 24.12 -2.79 -2.77
C LYS A 166 24.79 -4.19 -2.64
N THR A 167 25.63 -4.38 -1.59
CA THR A 167 26.53 -5.54 -1.45
C THR A 167 26.18 -6.57 -0.41
N ARG A 168 25.15 -6.39 0.40
CA ARG A 168 24.75 -7.37 1.42
C ARG A 168 25.69 -7.39 2.62
N GLN A 169 26.68 -6.49 2.68
CA GLN A 169 27.61 -6.40 3.81
C GLN A 169 26.84 -5.89 5.05
N GLY A 170 26.91 -6.59 6.16
CA GLY A 170 26.30 -6.19 7.42
C GLY A 170 24.96 -6.76 7.80
N VAL A 171 24.21 -7.27 6.83
CA VAL A 171 22.82 -7.70 7.03
C VAL A 171 22.67 -8.79 8.04
N GLU A 172 23.36 -9.87 7.83
CA GLU A 172 23.37 -11.02 8.72
C GLU A 172 23.79 -10.58 10.12
N ASP A 173 24.85 -9.75 10.25
CA ASP A 173 25.27 -9.28 11.58
C ASP A 173 24.18 -8.47 12.26
N ALA A 174 23.45 -7.65 11.51
CA ALA A 174 22.37 -6.84 12.05
C ALA A 174 21.30 -7.71 12.68
N PHE A 175 20.83 -8.72 11.95
CA PHE A 175 19.82 -9.65 12.47
C PHE A 175 20.31 -10.57 13.58
N TYR A 176 21.48 -11.21 13.37
CA TYR A 176 22.05 -12.12 14.39
C TYR A 176 22.37 -11.37 15.69
N THR A 177 22.91 -10.13 15.60
CA THR A 177 23.16 -9.34 16.80
C THR A 177 21.86 -9.15 17.57
N LEU A 178 20.71 -8.89 16.89
CA LEU A 178 19.41 -8.77 17.59
C LEU A 178 18.99 -10.09 18.23
N VAL A 179 19.07 -11.20 17.50
CA VAL A 179 18.76 -12.52 18.08
C VAL A 179 19.66 -12.78 19.33
N ARG A 180 20.94 -12.37 19.30
CA ARG A 180 21.80 -12.48 20.47
C ARG A 180 21.27 -11.58 21.61
N GLU A 181 20.82 -10.37 21.28
CA GLU A 181 20.26 -9.42 22.26
C GLU A 181 18.99 -9.97 22.94
N ILE A 182 18.15 -10.71 22.20
CA ILE A 182 16.93 -11.30 22.73
C ILE A 182 17.30 -12.43 23.71
N ARG A 183 18.18 -13.34 23.25
CA ARG A 183 18.69 -14.46 24.04
C ARG A 183 19.33 -14.05 25.39
N GLN A 184 20.11 -12.95 25.39
CA GLN A 184 20.77 -12.41 26.56
C GLN A 184 19.89 -11.49 27.41
N HIS A 185 18.60 -11.36 27.08
CA HIS A 185 17.69 -10.53 27.85
C HIS A 185 17.03 -11.43 28.93
N MET B 5 8.41 -15.84 -43.85
CA MET B 5 8.21 -14.46 -44.29
C MET B 5 9.52 -13.68 -44.39
N ARG B 6 9.57 -12.70 -45.32
CA ARG B 6 10.75 -11.87 -45.57
C ARG B 6 10.45 -10.45 -45.09
N LEU B 7 11.33 -9.91 -44.22
CA LEU B 7 11.16 -8.58 -43.62
C LEU B 7 12.39 -7.71 -43.89
N PRO B 8 12.27 -6.36 -43.82
CA PRO B 8 13.46 -5.49 -44.03
C PRO B 8 14.58 -5.65 -42.99
N SER B 9 15.73 -5.00 -43.23
CA SER B 9 16.89 -5.10 -42.33
C SER B 9 16.73 -4.24 -41.07
N ALA B 10 17.57 -4.52 -40.05
CA ALA B 10 17.56 -3.75 -38.79
C ALA B 10 18.03 -2.29 -39.02
N ASP B 11 18.86 -2.05 -40.07
CA ASP B 11 19.35 -0.70 -40.40
C ASP B 11 18.24 0.24 -40.92
N VAL B 12 17.12 -0.31 -41.45
CA VAL B 12 15.95 0.47 -41.92
C VAL B 12 14.80 0.37 -40.92
N TYR B 13 14.50 -0.85 -40.41
CA TYR B 13 13.42 -1.11 -39.46
C TYR B 13 13.94 -2.01 -38.31
N ARG B 14 14.18 -1.39 -37.14
CA ARG B 14 14.71 -2.03 -35.92
C ARG B 14 13.90 -3.20 -35.39
N PHE B 15 12.57 -3.16 -35.54
CA PHE B 15 11.68 -4.20 -35.01
C PHE B 15 11.79 -5.53 -35.78
N ALA B 16 12.41 -5.54 -36.98
CA ALA B 16 12.64 -6.75 -37.79
C ALA B 16 13.73 -7.67 -37.23
N GLU B 17 14.65 -7.16 -36.37
CA GLU B 17 15.73 -7.96 -35.76
C GLU B 17 15.14 -9.22 -35.12
N PRO B 18 15.66 -10.42 -35.41
CA PRO B 18 15.06 -11.64 -34.83
C PRO B 18 15.32 -11.84 -33.33
N ASP B 19 14.45 -12.66 -32.70
CA ASP B 19 14.54 -12.99 -31.27
C ASP B 19 15.84 -13.72 -30.95
N SER B 20 16.41 -13.45 -29.77
CA SER B 20 17.59 -14.13 -29.25
C SER B 20 17.73 -13.89 -27.75
N GLU B 21 18.54 -14.69 -27.07
CA GLU B 21 18.80 -14.51 -25.62
C GLU B 21 19.38 -13.11 -25.30
N GLU B 22 19.91 -12.40 -26.31
CA GLU B 22 20.52 -11.07 -26.17
C GLU B 22 19.51 -9.92 -26.21
N ASN B 23 18.27 -10.18 -26.67
CA ASN B 23 17.25 -9.13 -26.74
C ASN B 23 15.84 -9.53 -26.18
N ILE B 24 15.57 -10.82 -25.89
CA ILE B 24 14.27 -11.24 -25.36
C ILE B 24 14.33 -12.63 -24.70
N ILE B 25 13.79 -12.73 -23.47
CA ILE B 25 13.70 -13.99 -22.75
C ILE B 25 12.30 -14.12 -22.20
N PHE B 26 11.88 -15.37 -22.04
CA PHE B 26 10.52 -15.70 -21.66
C PHE B 26 10.46 -16.46 -20.37
N GLU B 27 9.26 -16.51 -19.82
CA GLU B 27 8.96 -17.29 -18.63
C GLU B 27 8.59 -18.66 -19.17
N GLU B 28 8.71 -19.70 -18.34
CA GLU B 28 8.41 -21.07 -18.77
C GLU B 28 6.90 -21.38 -18.91
N ASN B 29 6.00 -20.48 -18.43
CA ASN B 29 4.54 -20.67 -18.55
C ASN B 29 3.98 -19.78 -19.66
N MET B 30 2.73 -20.06 -20.06
CA MET B 30 2.01 -19.34 -21.11
C MET B 30 0.79 -18.67 -20.49
N GLN B 31 0.32 -17.55 -21.13
CA GLN B 31 -0.87 -16.82 -20.65
C GLN B 31 -2.03 -17.81 -20.56
N PRO B 32 -2.63 -17.98 -19.34
CA PRO B 32 -3.63 -19.05 -19.16
C PRO B 32 -4.81 -19.04 -20.11
N LYS B 33 -5.48 -17.88 -20.25
CA LYS B 33 -6.63 -17.71 -21.14
C LYS B 33 -6.26 -17.45 -22.62
N ALA B 34 -4.95 -17.24 -22.96
CA ALA B 34 -4.51 -16.84 -24.31
C ALA B 34 -3.50 -17.73 -25.04
N GLY B 35 -2.73 -18.56 -24.33
CA GLY B 35 -1.69 -19.38 -24.95
C GLY B 35 -0.46 -18.63 -25.46
N ILE B 36 -0.40 -17.32 -25.17
CA ILE B 36 0.67 -16.42 -25.59
C ILE B 36 1.82 -16.59 -24.61
N PRO B 37 3.08 -16.55 -25.06
CA PRO B 37 4.20 -16.65 -24.10
C PRO B 37 4.25 -15.46 -23.16
N ILE B 38 4.73 -15.69 -21.94
CA ILE B 38 4.88 -14.65 -20.93
C ILE B 38 6.33 -14.13 -21.00
N ILE B 39 6.51 -12.87 -21.37
CA ILE B 39 7.84 -12.25 -21.47
C ILE B 39 8.38 -11.99 -20.05
N LYS B 40 9.62 -12.44 -19.77
CA LYS B 40 10.29 -12.24 -18.48
C LYS B 40 11.07 -10.92 -18.61
N ALA B 41 11.86 -10.80 -19.67
CA ALA B 41 12.64 -9.60 -19.94
C ALA B 41 12.86 -9.39 -21.44
N GLY B 42 13.24 -8.18 -21.80
CA GLY B 42 13.51 -7.84 -23.19
C GLY B 42 13.96 -6.41 -23.36
N THR B 43 14.41 -6.05 -24.55
CA THR B 43 14.86 -4.68 -24.82
C THR B 43 13.64 -3.86 -25.08
N VAL B 44 13.77 -2.55 -25.04
CA VAL B 44 12.61 -1.70 -25.26
C VAL B 44 11.98 -1.93 -26.66
N ILE B 45 12.83 -2.14 -27.71
CA ILE B 45 12.38 -2.41 -29.09
C ILE B 45 11.61 -3.73 -29.15
N LYS B 46 12.18 -4.77 -28.56
CA LYS B 46 11.53 -6.07 -28.51
C LYS B 46 10.23 -6.03 -27.67
N LEU B 47 10.18 -5.20 -26.61
CA LEU B 47 8.97 -5.11 -25.79
C LEU B 47 7.90 -4.38 -26.57
N ILE B 48 8.29 -3.32 -27.31
CA ILE B 48 7.35 -2.60 -28.19
C ILE B 48 6.90 -3.47 -29.40
N GLU B 49 7.76 -4.39 -29.90
CA GLU B 49 7.37 -5.29 -30.99
C GLU B 49 6.24 -6.21 -30.51
N ARG B 50 6.37 -6.73 -29.27
CA ARG B 50 5.39 -7.64 -28.67
C ARG B 50 4.11 -6.92 -28.24
N LEU B 51 4.21 -5.62 -27.95
CA LEU B 51 3.09 -4.75 -27.60
C LEU B 51 2.19 -4.54 -28.83
N THR B 52 2.81 -4.52 -30.02
CA THR B 52 2.16 -4.32 -31.31
C THR B 52 2.48 -5.52 -32.24
N TYR B 53 2.42 -6.77 -31.69
CA TYR B 53 2.80 -7.99 -32.43
C TYR B 53 1.85 -8.31 -33.58
N HIS B 54 2.40 -8.80 -34.69
CA HIS B 54 1.63 -9.08 -35.89
C HIS B 54 0.79 -10.37 -35.76
N MET B 55 1.38 -11.46 -35.23
CA MET B 55 0.73 -12.78 -35.12
C MET B 55 -0.53 -12.81 -34.23
N TYR B 56 -0.59 -12.00 -33.16
CA TYR B 56 -1.75 -11.95 -32.27
C TYR B 56 -1.77 -10.72 -31.38
N ALA B 57 -2.94 -10.40 -30.86
CA ALA B 57 -3.12 -9.27 -29.94
C ALA B 57 -2.83 -9.82 -28.53
N ASP B 58 -2.27 -8.94 -27.65
CA ASP B 58 -1.83 -9.30 -26.29
C ASP B 58 -2.38 -8.26 -25.28
N PRO B 59 -3.71 -8.29 -25.01
CA PRO B 59 -4.31 -7.27 -24.12
C PRO B 59 -3.66 -7.12 -22.74
N ASN B 60 -3.39 -8.25 -22.10
CA ASN B 60 -2.76 -8.22 -20.77
C ASN B 60 -1.45 -7.51 -20.82
N PHE B 61 -0.65 -7.78 -21.84
CA PHE B 61 0.63 -7.15 -22.01
C PHE B 61 0.46 -5.64 -22.25
N VAL B 62 -0.56 -5.23 -23.00
CA VAL B 62 -0.84 -3.81 -23.27
C VAL B 62 -1.22 -3.09 -21.97
N ARG B 63 -2.10 -3.70 -21.19
CA ARG B 63 -2.52 -3.16 -19.90
C ARG B 63 -1.33 -3.14 -18.89
N THR B 64 -0.48 -4.17 -18.88
CA THR B 64 0.67 -4.20 -17.98
C THR B 64 1.68 -3.16 -18.42
N PHE B 65 1.96 -3.15 -19.72
CA PHE B 65 2.96 -2.22 -20.26
C PHE B 65 2.56 -0.75 -20.00
N LEU B 66 1.36 -0.34 -20.42
CA LEU B 66 0.91 1.05 -20.25
C LEU B 66 0.77 1.49 -18.81
N THR B 67 0.53 0.55 -17.91
CA THR B 67 0.49 0.86 -16.47
C THR B 67 1.88 1.11 -15.87
N THR B 68 2.88 0.31 -16.25
CA THR B 68 4.21 0.28 -15.63
C THR B 68 5.43 0.73 -16.45
N TYR B 69 5.24 1.17 -17.69
CA TYR B 69 6.38 1.49 -18.54
C TYR B 69 7.24 2.67 -18.13
N ARG B 70 6.67 3.63 -17.40
CA ARG B 70 7.38 4.91 -17.13
C ARG B 70 8.70 4.80 -16.36
N SER B 71 8.95 3.65 -15.69
CA SER B 71 10.22 3.40 -15.01
C SER B 71 11.38 3.27 -16.01
N PHE B 72 11.15 2.50 -17.08
CA PHE B 72 12.14 2.21 -18.14
C PHE B 72 12.08 3.05 -19.43
N CYS B 73 10.98 3.77 -19.70
CA CYS B 73 10.83 4.53 -20.94
C CYS B 73 9.94 5.74 -20.67
N LYS B 74 10.28 6.91 -21.20
CA LYS B 74 9.50 8.14 -20.96
C LYS B 74 8.28 8.19 -21.89
N PRO B 75 7.17 8.83 -21.48
CA PRO B 75 6.00 8.91 -22.39
C PRO B 75 6.29 9.40 -23.79
N GLN B 76 7.06 10.48 -23.90
CA GLN B 76 7.47 11.09 -25.18
C GLN B 76 8.38 10.11 -26.02
N GLU B 77 9.21 9.29 -25.34
CA GLU B 77 10.03 8.27 -25.99
C GLU B 77 9.17 7.09 -26.47
N LEU B 78 8.10 6.73 -25.73
CA LEU B 78 7.20 5.64 -26.12
C LEU B 78 6.42 6.03 -27.40
N LEU B 79 5.83 7.23 -27.42
CA LEU B 79 5.08 7.72 -28.59
C LEU B 79 5.91 7.60 -29.86
N SER B 80 7.18 7.98 -29.76
CA SER B 80 8.14 7.93 -30.87
C SER B 80 8.38 6.51 -31.35
N LEU B 81 8.50 5.55 -30.42
CA LEU B 81 8.72 4.14 -30.79
C LEU B 81 7.46 3.56 -31.44
N ILE B 82 6.24 3.87 -30.92
CA ILE B 82 5.01 3.33 -31.52
C ILE B 82 4.72 4.01 -32.86
N ILE B 83 5.19 5.27 -33.05
CA ILE B 83 5.10 5.98 -34.34
C ILE B 83 6.07 5.29 -35.29
N GLU B 84 7.32 5.07 -34.85
CA GLU B 84 8.37 4.40 -35.65
C GLU B 84 7.95 3.00 -36.07
N ARG B 85 7.26 2.28 -35.19
CA ARG B 85 6.77 0.92 -35.44
C ARG B 85 5.73 0.96 -36.56
N PHE B 86 4.84 1.96 -36.57
CA PHE B 86 3.79 2.13 -37.58
C PHE B 86 4.37 2.41 -38.97
N GLU B 87 5.43 3.25 -39.02
CA GLU B 87 6.10 3.63 -40.26
C GLU B 87 7.00 2.49 -40.73
N ILE B 88 6.37 1.49 -41.38
CA ILE B 88 7.05 0.29 -41.91
C ILE B 88 7.50 0.52 -43.34
N PRO B 89 8.78 0.24 -43.64
CA PRO B 89 9.20 0.28 -45.04
C PRO B 89 8.89 -1.07 -45.69
N GLU B 90 8.86 -1.11 -47.04
CA GLU B 90 8.63 -2.37 -47.77
C GLU B 90 9.98 -3.13 -47.81
N PRO B 91 10.00 -4.47 -47.94
CA PRO B 91 11.30 -5.19 -47.98
C PRO B 91 12.15 -4.91 -49.23
C LEU B 108 2.34 -7.47 -57.06
N SER B 109 3.40 -7.90 -56.38
CA SER B 109 3.87 -9.29 -56.43
C SER B 109 3.12 -10.18 -55.38
N ALA B 110 3.49 -11.48 -55.27
CA ALA B 110 2.88 -12.40 -54.30
C ALA B 110 3.39 -12.12 -52.89
N GLU B 111 4.71 -11.87 -52.75
CA GLU B 111 5.36 -11.59 -51.45
C GLU B 111 4.83 -10.28 -50.83
N LEU B 112 4.77 -9.19 -51.61
CA LEU B 112 4.29 -7.87 -51.14
C LEU B 112 2.82 -7.92 -50.69
N LYS B 113 1.93 -8.61 -51.43
CA LYS B 113 0.50 -8.70 -51.08
C LYS B 113 0.30 -9.39 -49.71
N ARG B 114 1.16 -10.37 -49.39
CA ARG B 114 1.11 -11.10 -48.12
C ARG B 114 1.64 -10.23 -46.96
N PHE B 115 2.80 -9.55 -47.17
CA PHE B 115 3.41 -8.65 -46.17
C PHE B 115 2.45 -7.53 -45.78
N ARG B 116 1.82 -6.87 -46.76
CA ARG B 116 0.86 -5.78 -46.52
C ARG B 116 -0.33 -6.26 -45.68
N LYS B 117 -0.84 -7.46 -45.98
CA LYS B 117 -2.02 -8.01 -45.31
C LYS B 117 -1.73 -8.69 -43.99
N GLU B 118 -0.62 -9.46 -43.89
CA GLU B 118 -0.23 -10.26 -42.72
C GLU B 118 0.73 -9.58 -41.73
N TYR B 119 1.43 -8.50 -42.14
CA TYR B 119 2.36 -7.79 -41.25
C TYR B 119 2.12 -6.28 -41.16
N ILE B 120 1.86 -5.59 -42.27
CA ILE B 120 1.65 -4.14 -42.19
C ILE B 120 0.30 -3.80 -41.57
N GLN B 121 -0.81 -4.34 -42.08
CA GLN B 121 -2.13 -4.02 -41.55
C GLN B 121 -2.30 -4.40 -40.07
N PRO B 122 -1.91 -5.62 -39.62
CA PRO B 122 -2.08 -5.97 -38.20
C PRO B 122 -1.23 -5.10 -37.26
N VAL B 123 0.09 -4.93 -37.56
CA VAL B 123 1.01 -4.13 -36.76
C VAL B 123 0.49 -2.70 -36.59
N GLN B 124 0.00 -2.08 -37.67
CA GLN B 124 -0.57 -0.74 -37.65
C GLN B 124 -1.84 -0.71 -36.79
N LEU B 125 -2.71 -1.72 -36.95
CA LEU B 125 -3.93 -1.81 -36.17
C LEU B 125 -3.59 -1.92 -34.69
N ARG B 126 -2.49 -2.62 -34.34
CA ARG B 126 -2.12 -2.81 -32.96
C ARG B 126 -1.59 -1.53 -32.36
N VAL B 127 -0.80 -0.72 -33.11
CA VAL B 127 -0.33 0.56 -32.56
C VAL B 127 -1.50 1.46 -32.31
N LEU B 128 -2.49 1.45 -33.20
CA LEU B 128 -3.72 2.23 -33.02
C LEU B 128 -4.48 1.76 -31.80
N ASN B 129 -4.49 0.44 -31.51
CA ASN B 129 -5.16 -0.08 -30.30
C ASN B 129 -4.41 0.38 -29.04
N VAL B 130 -3.08 0.40 -29.10
CA VAL B 130 -2.25 0.87 -27.99
C VAL B 130 -2.57 2.34 -27.74
N CYS B 131 -2.58 3.14 -28.81
CA CYS B 131 -2.94 4.56 -28.75
C CYS B 131 -4.32 4.73 -28.10
N ARG B 132 -5.30 3.88 -28.45
CA ARG B 132 -6.66 3.98 -27.89
C ARG B 132 -6.65 3.65 -26.40
N HIS B 133 -5.87 2.62 -26.01
CA HIS B 133 -5.72 2.21 -24.60
C HIS B 133 -5.03 3.25 -23.76
N TRP B 134 -3.97 3.85 -24.33
CA TRP B 134 -3.19 4.91 -23.71
C TRP B 134 -4.08 6.09 -23.36
N VAL B 135 -4.78 6.58 -24.35
CA VAL B 135 -5.69 7.72 -24.27
C VAL B 135 -6.88 7.45 -23.35
N GLU B 136 -7.42 6.22 -23.38
CA GLU B 136 -8.60 5.85 -22.59
C GLU B 136 -8.29 5.61 -21.12
N HIS B 137 -7.14 4.97 -20.80
CA HIS B 137 -6.82 4.56 -19.44
C HIS B 137 -5.64 5.22 -18.76
N HIS B 138 -4.74 5.89 -19.51
CA HIS B 138 -3.56 6.56 -18.93
C HIS B 138 -3.46 7.95 -19.53
N PHE B 139 -4.62 8.64 -19.57
CA PHE B 139 -4.71 9.97 -20.13
C PHE B 139 -3.85 10.97 -19.35
N TYR B 140 -3.60 10.71 -18.04
CA TYR B 140 -2.75 11.58 -17.22
C TYR B 140 -1.45 11.97 -17.90
N ASP B 141 -0.87 11.06 -18.70
CA ASP B 141 0.34 11.34 -19.46
C ASP B 141 0.21 12.58 -20.32
N PHE B 142 -0.98 12.76 -20.93
CA PHE B 142 -1.32 13.84 -21.85
C PHE B 142 -1.72 15.11 -21.09
N GLU B 143 -2.41 14.97 -19.93
CA GLU B 143 -2.75 16.10 -19.03
C GLU B 143 -1.48 16.77 -18.45
N ARG B 144 -0.37 16.02 -18.34
CA ARG B 144 0.88 16.51 -17.77
C ARG B 144 1.89 16.95 -18.84
N ASP B 145 1.65 16.61 -20.11
CA ASP B 145 2.52 16.98 -21.24
C ASP B 145 1.62 17.26 -22.42
N ALA B 146 1.21 18.53 -22.58
CA ALA B 146 0.33 18.93 -23.68
C ALA B 146 0.99 18.78 -25.09
N TYR B 147 2.34 18.71 -25.17
CA TYR B 147 3.03 18.48 -26.44
C TYR B 147 2.85 17.00 -26.80
N LEU B 148 2.86 16.12 -25.79
CA LEU B 148 2.61 14.68 -26.00
C LEU B 148 1.25 14.56 -26.68
N LEU B 149 0.25 15.32 -26.22
CA LEU B 149 -1.07 15.30 -26.86
C LEU B 149 -1.05 15.92 -28.27
N GLN B 150 -0.21 16.96 -28.49
CA GLN B 150 -0.05 17.61 -29.80
C GLN B 150 0.44 16.55 -30.79
N ARG B 151 1.56 15.89 -30.49
CA ARG B 151 2.13 14.82 -31.32
C ARG B 151 1.17 13.65 -31.57
N MET B 152 0.37 13.23 -30.56
CA MET B 152 -0.59 12.13 -30.72
C MET B 152 -1.63 12.54 -31.76
N GLU B 153 -2.26 13.72 -31.57
CA GLU B 153 -3.25 14.27 -32.51
C GLU B 153 -2.63 14.47 -33.93
N GLU B 154 -1.34 14.85 -34.01
CA GLU B 154 -0.62 15.00 -35.29
C GLU B 154 -0.56 13.63 -35.96
N PHE B 155 0.21 12.68 -35.39
CA PHE B 155 0.37 11.30 -35.86
C PHE B 155 -0.95 10.71 -36.31
N ILE B 156 -1.96 10.76 -35.43
CA ILE B 156 -3.31 10.24 -35.70
C ILE B 156 -3.92 10.86 -36.96
N GLY B 157 -3.70 12.17 -37.17
CA GLY B 157 -4.15 12.87 -38.36
C GLY B 157 -3.55 12.34 -39.65
N THR B 158 -2.24 12.00 -39.64
CA THR B 158 -1.53 11.48 -40.82
C THR B 158 -1.91 10.04 -41.21
N VAL B 159 -2.56 9.29 -40.30
CA VAL B 159 -2.91 7.90 -40.56
C VAL B 159 -4.02 7.84 -41.60
N ARG B 160 -3.78 7.06 -42.68
CA ARG B 160 -4.70 6.89 -43.81
C ARG B 160 -4.99 5.40 -44.11
N GLY B 161 -6.23 5.13 -44.51
CA GLY B 161 -6.74 3.80 -44.82
C GLY B 161 -8.18 3.66 -44.40
N LYS B 162 -8.96 2.83 -45.14
CA LYS B 162 -10.37 2.59 -44.79
C LYS B 162 -10.43 1.75 -43.51
N ALA B 163 -9.46 0.83 -43.35
CA ALA B 163 -9.32 -0.01 -42.16
C ALA B 163 -9.08 0.85 -40.90
N MET B 164 -8.19 1.86 -41.02
CA MET B 164 -7.80 2.79 -39.94
C MET B 164 -8.91 3.77 -39.52
N LYS B 165 -9.61 4.41 -40.49
CA LYS B 165 -10.67 5.42 -40.26
C LYS B 165 -11.54 5.17 -39.04
N LYS B 166 -11.95 3.91 -38.83
CA LYS B 166 -12.78 3.50 -37.71
C LYS B 166 -12.10 3.70 -36.33
N TRP B 167 -10.79 3.40 -36.23
CA TRP B 167 -10.00 3.47 -34.99
C TRP B 167 -9.49 4.91 -34.77
N VAL B 168 -9.14 5.61 -35.85
CA VAL B 168 -8.75 7.03 -35.80
C VAL B 168 -9.94 7.86 -35.29
N GLU B 169 -11.15 7.56 -35.79
CA GLU B 169 -12.37 8.22 -35.34
C GLU B 169 -12.54 7.97 -33.84
N SER B 170 -12.34 6.72 -33.41
CA SER B 170 -12.49 6.31 -32.00
C SER B 170 -11.53 7.08 -31.07
N ILE B 171 -10.23 7.13 -31.42
CA ILE B 171 -9.21 7.82 -30.64
C ILE B 171 -9.55 9.30 -30.47
N THR B 172 -9.94 9.96 -31.57
CA THR B 172 -10.33 11.38 -31.55
C THR B 172 -11.55 11.61 -30.62
N LYS B 173 -12.55 10.73 -30.70
CA LYS B 173 -13.75 10.83 -29.86
C LYS B 173 -13.39 10.72 -28.37
N ILE B 174 -12.36 9.91 -28.03
CA ILE B 174 -11.93 9.74 -26.63
C ILE B 174 -11.16 10.98 -26.17
N ILE B 175 -10.20 11.43 -26.98
CA ILE B 175 -9.40 12.60 -26.64
C ILE B 175 -10.34 13.75 -26.24
N GLN B 176 -11.27 14.10 -27.13
CA GLN B 176 -12.26 15.19 -26.91
C GLN B 176 -13.07 14.99 -25.63
N ARG B 177 -13.48 13.76 -25.34
CA ARG B 177 -14.21 13.45 -24.11
C ARG B 177 -13.29 13.72 -22.91
N LYS B 178 -12.04 13.20 -22.99
CA LYS B 178 -11.05 13.35 -21.94
C LYS B 178 -10.67 14.82 -21.71
N LYS B 179 -10.62 15.63 -22.78
CA LYS B 179 -10.35 17.07 -22.65
C LYS B 179 -11.51 17.79 -21.92
N ILE B 180 -12.78 17.40 -22.20
CA ILE B 180 -13.96 17.99 -21.53
C ILE B 180 -13.86 17.88 -20.00
N ALA B 181 -13.46 16.69 -19.48
CA ALA B 181 -13.30 16.42 -18.03
C ALA B 181 -14.57 16.69 -17.22
N PHE B 192 -28.49 3.02 -9.71
CA PHE B 192 -28.60 1.83 -10.55
C PHE B 192 -28.73 0.56 -9.66
N GLN B 193 -29.78 0.53 -8.81
CA GLN B 193 -30.00 -0.56 -7.86
C GLN B 193 -31.47 -0.59 -7.37
N SER B 194 -31.74 -1.31 -6.25
CA SER B 194 -33.03 -1.35 -5.54
C SER B 194 -33.02 -0.18 -4.51
N SER B 195 -33.87 -0.21 -3.46
CA SER B 195 -33.93 0.90 -2.49
C SER B 195 -32.98 0.64 -1.30
N PRO B 196 -32.12 1.63 -0.93
CA PRO B 196 -31.22 1.42 0.21
C PRO B 196 -31.98 1.51 1.54
N PRO B 197 -31.43 0.97 2.62
CA PRO B 197 -32.13 1.08 3.90
C PRO B 197 -32.39 2.49 4.40
N THR B 198 -33.26 2.56 5.40
CA THR B 198 -33.66 3.82 6.00
C THR B 198 -32.56 4.29 6.94
N VAL B 199 -32.18 5.58 6.81
CA VAL B 199 -31.18 6.25 7.65
C VAL B 199 -31.67 6.19 9.11
N GLU B 200 -30.81 5.63 9.99
CA GLU B 200 -31.06 5.44 11.41
C GLU B 200 -30.63 6.65 12.26
N TRP B 201 -31.46 7.01 13.27
CA TRP B 201 -31.21 8.11 14.21
C TRP B 201 -31.37 7.61 15.63
N HIS B 202 -30.60 8.17 16.59
CA HIS B 202 -30.64 7.77 17.99
C HIS B 202 -31.01 8.98 18.88
N ILE B 203 -30.06 9.67 19.54
CA ILE B 203 -30.35 10.81 20.39
C ILE B 203 -30.37 12.04 19.50
N SER B 204 -29.30 12.31 18.76
CA SER B 204 -29.29 13.46 17.85
C SER B 204 -30.44 13.30 16.81
N ARG B 205 -31.15 14.40 16.56
CA ARG B 205 -32.26 14.39 15.61
C ARG B 205 -31.75 14.97 14.27
N PRO B 206 -32.40 14.63 13.14
CA PRO B 206 -31.92 15.16 11.85
C PRO B 206 -31.81 16.69 11.82
N GLY B 207 -30.71 17.18 11.28
CA GLY B 207 -30.41 18.61 11.21
C GLY B 207 -29.61 19.19 12.36
N HIS B 208 -29.59 18.53 13.54
CA HIS B 208 -28.87 19.02 14.72
C HIS B 208 -27.39 18.58 14.78
N ILE B 209 -26.57 18.99 13.77
CA ILE B 209 -25.10 18.78 13.71
C ILE B 209 -24.41 19.15 15.01
N GLU B 210 -24.92 20.18 15.69
CA GLU B 210 -24.39 20.74 16.94
C GLU B 210 -24.24 19.68 18.04
N THR B 211 -25.17 18.69 18.07
CA THR B 211 -25.22 17.63 19.07
C THR B 211 -24.58 16.29 18.62
N PHE B 212 -24.20 16.16 17.33
CA PHE B 212 -23.59 14.93 16.82
C PHE B 212 -22.30 14.60 17.54
N ASP B 213 -22.20 13.36 17.98
CA ASP B 213 -20.98 12.79 18.58
C ASP B 213 -21.11 11.25 18.52
N LEU B 214 -20.08 10.56 18.96
CA LEU B 214 -20.04 9.11 18.96
C LEU B 214 -21.25 8.47 19.60
N LEU B 215 -21.65 8.94 20.79
CA LEU B 215 -22.76 8.30 21.49
C LEU B 215 -24.11 8.86 21.09
N THR B 216 -24.19 10.03 20.43
CA THR B 216 -25.50 10.61 20.07
C THR B 216 -25.99 10.23 18.71
N LEU B 217 -25.06 9.92 17.78
CA LEU B 217 -25.43 9.40 16.47
C LEU B 217 -25.67 7.90 16.63
N HIS B 218 -26.48 7.31 15.76
CA HIS B 218 -26.78 5.88 15.80
C HIS B 218 -25.55 5.13 15.33
N PRO B 219 -25.10 4.07 16.06
CA PRO B 219 -23.90 3.33 15.61
C PRO B 219 -24.01 2.68 14.24
N ILE B 220 -25.24 2.30 13.80
CA ILE B 220 -25.45 1.74 12.46
C ILE B 220 -25.14 2.85 11.46
N GLU B 221 -25.63 4.07 11.72
CA GLU B 221 -25.42 5.17 10.79
C GLU B 221 -23.96 5.68 10.78
N ILE B 222 -23.27 5.61 11.93
CA ILE B 222 -21.86 6.00 12.00
C ILE B 222 -21.07 5.11 11.04
N ALA B 223 -21.29 3.79 11.17
CA ALA B 223 -20.60 2.80 10.36
C ALA B 223 -20.94 2.90 8.89
N ARG B 224 -22.22 3.14 8.54
CA ARG B 224 -22.64 3.28 7.14
C ARG B 224 -22.06 4.50 6.52
N GLN B 225 -22.15 5.62 7.22
CA GLN B 225 -21.63 6.89 6.70
C GLN B 225 -20.09 6.88 6.59
N LEU B 226 -19.40 6.26 7.55
CA LEU B 226 -17.95 6.09 7.44
C LEU B 226 -17.60 5.16 6.30
N THR B 227 -18.40 4.09 6.08
CA THR B 227 -18.16 3.13 5.02
C THR B 227 -18.30 3.81 3.67
N LEU B 228 -19.31 4.68 3.51
CA LEU B 228 -19.51 5.39 2.25
C LEU B 228 -18.31 6.32 1.94
N LEU B 229 -17.88 7.09 2.96
CA LEU B 229 -16.74 7.99 2.87
C LEU B 229 -15.49 7.26 2.50
N GLU B 230 -15.20 6.20 3.26
CA GLU B 230 -14.01 5.38 3.09
C GLU B 230 -14.00 4.64 1.75
N SER B 231 -15.21 4.30 1.22
CA SER B 231 -15.36 3.65 -0.08
C SER B 231 -15.05 4.63 -1.23
N ASP B 232 -15.48 5.88 -1.13
CA ASP B 232 -15.13 6.90 -2.13
C ASP B 232 -13.64 7.18 -2.08
N LEU B 233 -13.09 7.26 -0.86
CA LEU B 233 -11.65 7.51 -0.71
C LEU B 233 -10.86 6.40 -1.39
N TYR B 234 -11.28 5.13 -1.18
CA TYR B 234 -10.65 3.94 -1.79
C TYR B 234 -10.79 3.97 -3.32
N ARG B 235 -11.99 4.25 -3.84
CA ARG B 235 -12.25 4.27 -5.30
C ARG B 235 -11.50 5.37 -6.07
N ALA B 236 -11.15 6.46 -5.40
CA ALA B 236 -10.42 7.58 -5.99
C ALA B 236 -8.93 7.31 -6.18
N VAL B 237 -8.34 6.26 -5.55
CA VAL B 237 -6.90 6.00 -5.69
C VAL B 237 -6.62 5.39 -7.07
N GLN B 238 -5.63 5.93 -7.77
CA GLN B 238 -5.29 5.53 -9.13
C GLN B 238 -3.91 4.85 -9.22
N PRO B 239 -3.65 4.06 -10.26
CA PRO B 239 -2.34 3.41 -10.33
C PRO B 239 -1.21 4.40 -10.52
N SER B 240 -1.48 5.58 -11.12
CA SER B 240 -0.48 6.66 -11.26
C SER B 240 0.15 7.07 -9.89
N GLU B 241 -0.64 6.89 -8.80
CA GLU B 241 -0.25 7.19 -7.42
C GLU B 241 0.56 6.10 -6.76
N LEU B 242 0.64 4.90 -7.35
CA LEU B 242 1.24 3.70 -6.78
C LEU B 242 2.43 3.19 -7.51
N VAL B 243 2.33 3.07 -8.81
CA VAL B 243 3.46 2.60 -9.59
C VAL B 243 4.66 3.50 -9.34
N GLY B 244 5.82 2.88 -9.22
CA GLY B 244 7.05 3.58 -8.95
C GLY B 244 7.25 3.94 -7.49
N SER B 245 6.42 3.39 -6.57
CA SER B 245 6.49 3.62 -5.13
C SER B 245 6.50 5.12 -4.80
N VAL B 246 5.80 5.90 -5.63
CA VAL B 246 5.82 7.37 -5.60
C VAL B 246 5.21 7.99 -4.33
N TRP B 247 4.43 7.23 -3.55
CA TRP B 247 3.85 7.73 -2.29
C TRP B 247 4.89 7.77 -1.12
N THR B 248 6.06 7.18 -1.36
CA THR B 248 7.15 7.12 -0.41
C THR B 248 8.22 8.13 -0.74
N LYS B 249 8.16 8.77 -1.93
CA LYS B 249 9.15 9.71 -2.44
C LYS B 249 8.85 11.16 -2.01
N GLU B 250 9.79 12.08 -2.25
CA GLU B 250 9.69 13.48 -1.82
C GLU B 250 8.47 14.25 -2.38
N ASP B 251 7.93 13.86 -3.55
CA ASP B 251 6.74 14.46 -4.15
C ASP B 251 5.44 13.64 -3.94
N LYS B 252 5.39 12.82 -2.86
CA LYS B 252 4.21 12.04 -2.53
C LYS B 252 2.93 12.88 -2.50
N GLU B 253 3.00 14.15 -2.03
CA GLU B 253 1.81 15.04 -1.97
C GLU B 253 1.38 15.48 -3.36
N ILE B 254 2.30 15.52 -4.33
CA ILE B 254 1.96 15.90 -5.72
C ILE B 254 1.44 14.65 -6.49
N ASN B 255 2.14 13.50 -6.36
CA ASN B 255 1.82 12.29 -7.10
C ASN B 255 0.79 11.35 -6.48
N SER B 256 0.55 11.39 -5.15
CA SER B 256 -0.39 10.47 -4.48
C SER B 256 -1.42 11.19 -3.61
N PRO B 257 -2.04 12.28 -4.08
CA PRO B 257 -3.00 12.99 -3.23
C PRO B 257 -4.15 12.17 -2.65
N ASN B 258 -4.79 11.34 -3.48
CA ASN B 258 -5.95 10.56 -3.03
C ASN B 258 -5.60 9.43 -2.07
N LEU B 259 -4.46 8.76 -2.31
CA LEU B 259 -4.01 7.73 -1.40
C LEU B 259 -3.74 8.35 -0.04
N LEU B 260 -3.00 9.45 -0.04
CA LEU B 260 -2.68 10.13 1.19
C LEU B 260 -3.90 10.67 1.96
N LYS B 261 -4.93 11.22 1.27
CA LYS B 261 -6.19 11.67 1.94
C LYS B 261 -6.84 10.43 2.61
N MET B 262 -6.84 9.32 1.88
CA MET B 262 -7.41 8.06 2.34
C MET B 262 -6.72 7.56 3.61
N ILE B 263 -5.38 7.56 3.65
CA ILE B 263 -4.62 7.10 4.84
C ILE B 263 -4.79 8.07 6.00
N ARG B 264 -4.80 9.37 5.67
CA ARG B 264 -5.05 10.38 6.69
C ARG B 264 -6.43 10.32 7.29
N HIS B 265 -7.49 9.96 6.53
CA HIS B 265 -8.83 9.81 7.08
C HIS B 265 -8.82 8.68 8.06
N THR B 266 -8.26 7.54 7.63
CA THR B 266 -8.12 6.36 8.48
C THR B 266 -7.44 6.75 9.82
N THR B 267 -6.27 7.40 9.71
CA THR B 267 -5.52 7.81 10.89
C THR B 267 -6.32 8.76 11.77
N ASN B 268 -7.05 9.68 11.17
CA ASN B 268 -7.86 10.59 11.97
C ASN B 268 -8.97 9.86 12.72
N LEU B 269 -9.58 8.79 12.13
CA LEU B 269 -10.64 8.03 12.82
C LEU B 269 -10.12 7.22 13.99
N THR B 270 -8.95 6.59 13.81
CA THR B 270 -8.31 5.83 14.88
C THR B 270 -8.03 6.80 16.04
N LEU B 271 -7.43 7.95 15.74
CA LEU B 271 -7.10 8.95 16.75
C LEU B 271 -8.32 9.52 17.45
N TRP B 272 -9.42 9.71 16.71
CA TRP B 272 -10.70 10.13 17.26
C TRP B 272 -11.28 9.07 18.20
N PHE B 273 -11.19 7.78 17.85
CA PHE B 273 -11.65 6.72 18.75
C PHE B 273 -10.81 6.67 20.02
N GLU B 274 -9.46 6.80 19.91
CA GLU B 274 -8.56 6.81 21.09
C GLU B 274 -8.93 8.00 22.01
N LYS B 275 -9.16 9.17 21.41
CA LYS B 275 -9.48 10.41 22.09
C LYS B 275 -10.82 10.29 22.80
N CYS B 276 -11.84 9.74 22.12
CA CYS B 276 -13.17 9.53 22.70
C CYS B 276 -13.08 8.68 23.96
N ILE B 277 -12.25 7.62 23.91
CA ILE B 277 -12.07 6.69 25.03
C ILE B 277 -11.36 7.34 26.20
N VAL B 278 -10.13 7.83 25.99
CA VAL B 278 -9.32 8.38 27.09
C VAL B 278 -9.84 9.73 27.65
N GLU B 279 -10.60 10.53 26.86
CA GLU B 279 -11.17 11.75 27.40
C GLU B 279 -12.49 11.48 28.14
N THR B 280 -12.93 10.22 28.24
CA THR B 280 -14.13 9.85 28.99
C THR B 280 -13.56 9.29 30.28
N GLU B 281 -13.33 10.15 31.26
CA GLU B 281 -12.67 9.76 32.51
C GLU B 281 -13.53 8.87 33.41
N ASN B 282 -14.87 9.03 33.41
CA ASN B 282 -15.74 8.16 34.23
C ASN B 282 -15.74 6.73 33.64
N LEU B 283 -15.27 5.75 34.41
CA LEU B 283 -15.22 4.34 34.00
C LEU B 283 -16.54 3.77 33.39
N GLU B 284 -17.71 4.10 33.95
CA GLU B 284 -18.98 3.58 33.44
C GLU B 284 -19.30 4.17 32.06
N GLU B 285 -19.01 5.47 31.89
CA GLU B 285 -19.19 6.17 30.62
C GLU B 285 -18.15 5.69 29.61
N ARG B 286 -16.92 5.41 30.06
CA ARG B 286 -15.85 4.96 29.17
C ARG B 286 -16.12 3.58 28.61
N VAL B 287 -16.69 2.70 29.46
CA VAL B 287 -17.10 1.33 29.10
C VAL B 287 -18.20 1.45 28.03
N ALA B 288 -19.08 2.45 28.15
CA ALA B 288 -20.13 2.68 27.17
C ALA B 288 -19.54 3.11 25.83
N VAL B 289 -18.49 3.95 25.88
CA VAL B 289 -17.77 4.42 24.69
C VAL B 289 -17.10 3.27 23.96
N VAL B 290 -16.36 2.43 24.66
CA VAL B 290 -15.65 1.32 24.04
C VAL B 290 -16.63 0.30 23.46
N SER B 291 -17.76 0.07 24.18
CA SER B 291 -18.79 -0.86 23.74
C SER B 291 -19.40 -0.32 22.43
N ARG B 292 -19.71 0.98 22.37
CA ARG B 292 -20.26 1.58 21.16
C ARG B 292 -19.32 1.43 19.97
N ILE B 293 -17.99 1.52 20.18
CA ILE B 293 -16.99 1.43 19.12
C ILE B 293 -16.94 -0.01 18.63
N ILE B 294 -17.07 -0.98 19.54
CA ILE B 294 -17.10 -2.40 19.14
C ILE B 294 -18.41 -2.66 18.36
N GLU B 295 -19.50 -1.97 18.73
CA GLU B 295 -20.75 -2.10 17.96
C GLU B 295 -20.59 -1.58 16.55
N ILE B 296 -19.80 -0.48 16.37
CA ILE B 296 -19.49 0.14 15.06
C ILE B 296 -18.62 -0.86 14.26
N LEU B 297 -17.66 -1.51 14.93
CA LEU B 297 -16.78 -2.52 14.31
C LEU B 297 -17.62 -3.70 13.76
N GLN B 298 -18.63 -4.11 14.52
CA GLN B 298 -19.55 -5.21 14.13
C GLN B 298 -20.27 -4.85 12.84
N VAL B 299 -20.75 -3.61 12.75
CA VAL B 299 -21.43 -3.14 11.55
C VAL B 299 -20.43 -3.00 10.39
N PHE B 300 -19.16 -2.61 10.65
CA PHE B 300 -18.14 -2.57 9.59
C PHE B 300 -17.93 -3.98 9.07
N GLN B 301 -17.86 -5.00 9.98
CA GLN B 301 -17.76 -6.42 9.57
C GLN B 301 -18.97 -6.80 8.68
N GLU B 302 -20.18 -6.45 9.11
CA GLU B 302 -21.38 -6.70 8.30
C GLU B 302 -21.32 -6.07 6.89
N LEU B 303 -20.69 -4.91 6.76
CA LEU B 303 -20.57 -4.17 5.49
C LEU B 303 -19.31 -4.51 4.70
N ASN B 304 -18.47 -5.43 5.18
CA ASN B 304 -17.19 -5.75 4.57
C ASN B 304 -16.25 -4.52 4.49
N ASN B 305 -16.32 -3.61 5.48
CA ASN B 305 -15.41 -2.46 5.51
C ASN B 305 -14.20 -2.86 6.36
N PHE B 306 -13.20 -3.46 5.69
CA PHE B 306 -12.01 -3.93 6.37
C PHE B 306 -11.15 -2.77 6.83
N ASN B 307 -11.20 -1.64 6.11
CA ASN B 307 -10.49 -0.45 6.53
C ASN B 307 -11.06 0.06 7.88
N GLY B 308 -12.37 0.12 7.98
CA GLY B 308 -13.06 0.48 9.21
C GLY B 308 -12.76 -0.49 10.33
N VAL B 309 -12.79 -1.80 10.04
CA VAL B 309 -12.48 -2.84 11.03
C VAL B 309 -11.11 -2.58 11.66
N LEU B 310 -10.08 -2.36 10.82
CA LEU B 310 -8.72 -2.14 11.35
C LEU B 310 -8.55 -0.77 12.02
N GLU B 311 -9.34 0.24 11.64
CA GLU B 311 -9.35 1.54 12.34
C GLU B 311 -9.69 1.28 13.80
N VAL B 312 -10.74 0.45 14.06
CA VAL B 312 -11.12 0.13 15.42
C VAL B 312 -10.07 -0.73 16.09
N VAL B 313 -9.55 -1.74 15.39
CA VAL B 313 -8.55 -2.61 16.02
C VAL B 313 -7.34 -1.80 16.45
N SER B 314 -6.87 -0.90 15.55
CA SER B 314 -5.67 -0.08 15.76
C SER B 314 -5.84 0.82 16.95
N ALA B 315 -7.03 1.41 17.11
CA ALA B 315 -7.38 2.27 18.23
C ALA B 315 -7.36 1.46 19.52
N MET B 316 -7.94 0.25 19.51
CA MET B 316 -7.99 -0.60 20.68
C MET B 316 -6.60 -1.07 21.09
N ASN B 317 -5.74 -1.38 20.11
CA ASN B 317 -4.36 -1.86 20.37
C ASN B 317 -3.32 -0.75 20.55
N SER B 318 -3.74 0.52 20.58
CA SER B 318 -2.84 1.65 20.81
C SER B 318 -2.38 1.66 22.26
N SER B 319 -1.24 2.30 22.53
CA SER B 319 -0.68 2.37 23.89
C SER B 319 -1.65 2.96 24.91
N PRO B 320 -2.32 4.08 24.64
CA PRO B 320 -3.27 4.60 25.63
C PRO B 320 -4.46 3.72 25.90
N VAL B 321 -4.98 2.95 24.90
CA VAL B 321 -6.18 2.12 25.08
C VAL B 321 -5.86 0.71 25.57
N TYR B 322 -4.89 0.05 24.98
CA TYR B 322 -4.54 -1.32 25.32
C TYR B 322 -4.35 -1.58 26.84
N ARG B 323 -3.88 -0.59 27.58
CA ARG B 323 -3.60 -0.70 29.02
C ARG B 323 -4.80 -0.44 29.99
N LEU B 324 -6.00 -0.11 29.46
CA LEU B 324 -7.18 0.17 30.28
C LEU B 324 -7.93 -1.09 30.70
N ASP B 325 -7.29 -1.87 31.57
CA ASP B 325 -7.78 -3.16 32.08
C ASP B 325 -9.10 -3.03 32.84
N HIS B 326 -9.27 -1.96 33.63
CA HIS B 326 -10.54 -1.78 34.33
C HIS B 326 -11.72 -1.56 33.37
N THR B 327 -11.49 -0.91 32.22
CA THR B 327 -12.52 -0.65 31.21
C THR B 327 -12.90 -1.95 30.51
N PHE B 328 -11.89 -2.71 30.05
CA PHE B 328 -12.12 -3.96 29.31
C PHE B 328 -12.66 -5.09 30.21
N GLU B 329 -12.43 -5.07 31.54
CA GLU B 329 -13.00 -6.08 32.45
C GLU B 329 -14.54 -5.95 32.46
N GLN B 330 -15.06 -4.72 32.30
CA GLN B 330 -16.48 -4.42 32.32
C GLN B 330 -17.18 -4.56 30.94
N ILE B 331 -16.45 -5.02 29.91
CA ILE B 331 -17.03 -5.17 28.57
C ILE B 331 -17.56 -6.59 28.36
N PRO B 332 -18.82 -6.72 27.90
CA PRO B 332 -19.39 -8.05 27.67
C PRO B 332 -18.53 -8.99 26.85
N SER B 333 -18.44 -10.25 27.27
CA SER B 333 -17.68 -11.30 26.56
C SER B 333 -18.01 -11.35 25.07
N ARG B 334 -19.29 -11.11 24.69
CA ARG B 334 -19.68 -11.16 23.28
C ARG B 334 -18.86 -10.10 22.53
N GLN B 335 -18.72 -8.89 23.11
CA GLN B 335 -17.97 -7.79 22.48
C GLN B 335 -16.46 -8.04 22.50
N LYS B 336 -15.97 -8.61 23.60
CA LYS B 336 -14.55 -8.95 23.66
C LYS B 336 -14.24 -9.93 22.54
N LYS B 337 -15.14 -10.92 22.29
CA LYS B 337 -14.92 -11.94 21.26
C LYS B 337 -15.00 -11.35 19.86
N ILE B 338 -15.94 -10.43 19.63
CA ILE B 338 -16.03 -9.67 18.38
C ILE B 338 -14.70 -8.96 18.11
N LEU B 339 -14.13 -8.29 19.12
CA LEU B 339 -12.86 -7.57 18.98
C LEU B 339 -11.68 -8.54 18.74
N GLU B 340 -11.66 -9.66 19.48
CA GLU B 340 -10.64 -10.70 19.36
C GLU B 340 -10.61 -11.34 17.96
N GLU B 341 -11.78 -11.54 17.36
CA GLU B 341 -11.88 -12.12 16.00
C GLU B 341 -11.41 -11.12 14.95
N ALA B 342 -11.69 -9.82 15.14
CA ALA B 342 -11.27 -8.75 14.24
C ALA B 342 -9.77 -8.59 14.28
N HIS B 343 -9.17 -8.71 15.47
CA HIS B 343 -7.73 -8.65 15.65
C HIS B 343 -6.99 -9.81 14.97
N GLU B 344 -7.55 -11.02 15.03
CA GLU B 344 -6.94 -12.18 14.40
C GLU B 344 -6.78 -11.98 12.90
N LEU B 345 -7.57 -11.08 12.26
CA LEU B 345 -7.42 -10.81 10.82
C LEU B 345 -6.02 -10.33 10.54
N SER B 346 -5.51 -9.45 11.41
CA SER B 346 -4.17 -8.87 11.31
C SER B 346 -3.01 -9.86 11.59
N GLU B 347 -3.23 -10.86 12.42
CA GLU B 347 -2.21 -11.82 12.84
C GLU B 347 -1.67 -12.70 11.73
N ASP B 348 -0.47 -13.24 11.93
CA ASP B 348 0.24 -14.07 10.96
C ASP B 348 0.34 -13.36 9.58
N HIS B 349 0.82 -12.11 9.59
CA HIS B 349 0.98 -11.29 8.37
C HIS B 349 -0.29 -11.22 7.53
N TYR B 350 -1.41 -10.82 8.16
CA TYR B 350 -2.71 -10.68 7.51
C TYR B 350 -3.24 -11.99 6.84
N LYS B 351 -2.92 -13.19 7.41
CA LYS B 351 -3.34 -14.49 6.84
C LYS B 351 -4.88 -14.63 6.74
N LYS B 352 -5.55 -14.42 7.86
CA LYS B 352 -7.00 -14.48 7.91
C LYS B 352 -7.65 -13.35 7.11
N TYR B 353 -7.06 -12.12 7.15
CA TYR B 353 -7.57 -10.97 6.40
C TYR B 353 -7.59 -11.32 4.94
N LEU B 354 -6.46 -11.81 4.43
CA LEU B 354 -6.29 -12.17 3.01
C LEU B 354 -7.23 -13.25 2.56
N ALA B 355 -7.49 -14.24 3.43
CA ALA B 355 -8.47 -15.28 3.13
C ALA B 355 -9.88 -14.69 3.12
N LYS B 356 -10.26 -13.95 4.16
CA LYS B 356 -11.63 -13.38 4.24
C LYS B 356 -11.95 -12.48 3.03
N LEU B 357 -10.96 -11.70 2.56
CA LEU B 357 -11.10 -10.82 1.41
C LEU B 357 -11.34 -11.66 0.14
N ARG B 358 -10.56 -12.75 -0.03
CA ARG B 358 -10.73 -13.65 -1.18
C ARG B 358 -12.13 -14.33 -1.18
N SER B 359 -12.65 -14.63 0.01
CA SER B 359 -13.92 -15.31 0.18
C SER B 359 -15.15 -14.41 -0.01
N ILE B 360 -14.97 -13.08 -0.01
CA ILE B 360 -16.11 -12.17 -0.12
C ILE B 360 -16.10 -11.54 -1.50
N ASN B 361 -17.26 -10.96 -1.86
CA ASN B 361 -17.44 -10.27 -3.13
C ASN B 361 -17.84 -8.83 -2.84
N PRO B 362 -17.62 -7.96 -3.83
CA PRO B 362 -18.02 -6.56 -3.66
C PRO B 362 -19.51 -6.34 -3.28
N PRO B 363 -19.83 -5.20 -2.66
CA PRO B 363 -18.94 -4.10 -2.28
C PRO B 363 -18.14 -4.39 -1.03
N CYS B 364 -16.92 -3.88 -0.97
CA CYS B 364 -16.09 -3.90 0.21
C CYS B 364 -15.09 -2.75 0.18
N VAL B 365 -14.54 -2.39 1.33
CA VAL B 365 -13.49 -1.39 1.42
C VAL B 365 -12.26 -2.13 1.95
N PRO B 366 -11.33 -2.55 1.09
CA PRO B 366 -10.12 -3.24 1.58
C PRO B 366 -9.16 -2.31 2.36
N PHE B 367 -8.25 -2.93 3.12
CA PHE B 367 -7.19 -2.24 3.85
C PHE B 367 -6.07 -2.08 2.83
N PHE B 368 -5.67 -0.84 2.51
CA PHE B 368 -4.67 -0.60 1.45
C PHE B 368 -3.23 -0.92 1.82
N GLY B 369 -2.87 -0.81 3.08
CA GLY B 369 -1.50 -0.98 3.53
C GLY B 369 -0.73 -2.17 2.98
N ILE B 370 -1.40 -3.33 2.86
CA ILE B 370 -0.81 -4.58 2.37
C ILE B 370 -0.35 -4.40 0.96
N TYR B 371 -1.22 -3.82 0.10
CA TYR B 371 -0.89 -3.53 -1.29
C TYR B 371 0.33 -2.62 -1.41
N LEU B 372 0.45 -1.63 -0.51
CA LEU B 372 1.54 -0.64 -0.51
C LEU B 372 2.84 -1.30 -0.18
N THR B 373 2.86 -2.12 0.86
CA THR B 373 4.06 -2.88 1.20
C THR B 373 4.47 -3.87 0.10
N ASN B 374 3.48 -4.49 -0.55
CA ASN B 374 3.77 -5.49 -1.57
C ASN B 374 4.29 -4.83 -2.86
N ILE B 375 3.82 -3.63 -3.20
CA ILE B 375 4.33 -2.92 -4.38
C ILE B 375 5.74 -2.44 -4.11
N LEU B 376 5.95 -1.82 -2.97
CA LEU B 376 7.27 -1.32 -2.58
C LEU B 376 8.31 -2.42 -2.56
N LYS B 377 8.05 -3.54 -1.86
CA LYS B 377 8.99 -4.66 -1.75
C LYS B 377 9.24 -5.32 -3.07
N THR B 378 8.24 -5.39 -3.95
CA THR B 378 8.39 -5.92 -5.30
C THR B 378 9.35 -5.04 -6.08
N GLU B 379 9.15 -3.73 -6.01
CA GLU B 379 10.01 -2.80 -6.72
C GLU B 379 11.42 -2.75 -6.14
N GLU B 380 11.57 -2.82 -4.81
CA GLU B 380 12.88 -2.76 -4.17
C GLU B 380 13.68 -4.07 -4.26
N GLY B 381 12.96 -5.18 -4.12
CA GLY B 381 13.54 -6.51 -4.12
C GLY B 381 13.81 -7.18 -5.45
N ASN B 382 13.67 -6.48 -6.57
CA ASN B 382 13.91 -7.03 -7.93
C ASN B 382 14.69 -6.03 -8.79
N PRO B 383 15.63 -6.51 -9.64
CA PRO B 383 16.38 -5.57 -10.47
C PRO B 383 15.55 -4.98 -11.60
N GLU B 384 15.89 -3.76 -12.00
CA GLU B 384 15.19 -3.07 -13.07
C GLU B 384 15.56 -3.70 -14.42
N VAL B 385 16.72 -4.36 -14.45
CA VAL B 385 17.32 -4.91 -15.64
C VAL B 385 17.97 -6.24 -15.37
N LEU B 386 17.91 -7.14 -16.36
CA LEU B 386 18.62 -8.42 -16.35
C LEU B 386 19.69 -8.34 -17.44
N LYS B 387 20.82 -9.01 -17.22
CA LYS B 387 21.92 -8.98 -18.18
C LYS B 387 22.08 -10.38 -18.75
N ARG B 388 22.08 -10.48 -20.10
CA ARG B 388 22.21 -11.77 -20.83
C ARG B 388 23.23 -11.57 -21.93
N HIS B 389 24.35 -12.31 -21.87
CA HIS B 389 25.47 -12.17 -22.82
C HIS B 389 26.00 -10.70 -22.84
N GLY B 390 26.05 -10.04 -21.67
CA GLY B 390 26.51 -8.66 -21.57
C GLY B 390 25.62 -7.56 -22.11
N LYS B 391 24.33 -7.88 -22.43
CA LYS B 391 23.34 -6.95 -22.98
C LYS B 391 22.28 -6.70 -21.92
N GLU B 392 21.78 -5.46 -21.78
CA GLU B 392 20.76 -5.16 -20.78
C GLU B 392 19.35 -5.40 -21.30
N LEU B 393 18.58 -6.21 -20.59
CA LEU B 393 17.18 -6.50 -20.88
C LEU B 393 16.36 -5.87 -19.76
N ILE B 394 15.32 -5.14 -20.10
CA ILE B 394 14.43 -4.57 -19.08
C ILE B 394 13.72 -5.73 -18.40
N ASN B 395 13.65 -5.75 -17.05
CA ASN B 395 12.97 -6.81 -16.30
C ASN B 395 11.44 -6.56 -16.29
N PHE B 396 10.70 -7.20 -17.20
CA PHE B 396 9.25 -7.00 -17.29
C PHE B 396 8.51 -7.71 -16.16
N SER B 397 8.97 -8.88 -15.76
CA SER B 397 8.34 -9.64 -14.70
C SER B 397 8.07 -8.85 -13.42
N LYS B 398 9.03 -8.02 -13.04
CA LYS B 398 8.96 -7.11 -11.90
C LYS B 398 7.76 -6.17 -12.09
N ARG B 399 7.55 -5.68 -13.32
CA ARG B 399 6.43 -4.81 -13.67
C ARG B 399 5.10 -5.56 -13.70
N ARG B 400 5.10 -6.80 -14.20
CA ARG B 400 3.90 -7.62 -14.19
C ARG B 400 3.41 -7.82 -12.78
N LYS B 401 4.31 -8.14 -11.84
CA LYS B 401 3.95 -8.36 -10.43
C LYS B 401 3.33 -7.11 -9.80
N VAL B 402 3.85 -5.91 -10.14
CA VAL B 402 3.27 -4.63 -9.67
C VAL B 402 1.89 -4.41 -10.29
N ALA B 403 1.81 -4.66 -11.59
CA ALA B 403 0.55 -4.54 -12.33
C ALA B 403 -0.52 -5.58 -11.80
N GLU B 404 -0.08 -6.76 -11.32
CA GLU B 404 -1.01 -7.73 -10.74
C GLU B 404 -1.64 -7.16 -9.46
N ILE B 405 -0.84 -6.45 -8.64
CA ILE B 405 -1.36 -5.78 -7.42
C ILE B 405 -2.29 -4.59 -7.77
N THR B 406 -1.90 -3.72 -8.73
CA THR B 406 -2.79 -2.62 -9.09
C THR B 406 -4.13 -3.10 -9.62
N GLY B 407 -4.15 -4.26 -10.30
CA GLY B 407 -5.36 -4.86 -10.80
C GLY B 407 -6.20 -5.38 -9.65
N GLU B 408 -5.56 -6.01 -8.64
CA GLU B 408 -6.24 -6.50 -7.44
C GLU B 408 -6.88 -5.34 -6.65
N ILE B 409 -6.30 -4.12 -6.71
CA ILE B 409 -6.86 -2.93 -6.06
C ILE B 409 -8.11 -2.55 -6.86
N GLN B 410 -7.98 -2.47 -8.17
CA GLN B 410 -9.07 -2.05 -9.07
C GLN B 410 -10.30 -2.96 -9.09
N GLN B 411 -10.13 -4.26 -8.74
CA GLN B 411 -11.26 -5.19 -8.78
C GLN B 411 -12.28 -4.92 -7.71
N TYR B 412 -11.91 -4.21 -6.61
CA TYR B 412 -12.84 -3.81 -5.55
C TYR B 412 -13.30 -2.34 -5.68
N GLN B 413 -12.80 -1.59 -6.68
CA GLN B 413 -13.18 -0.18 -6.87
C GLN B 413 -14.40 0.06 -7.75
N ASN B 414 -14.98 -1.00 -8.34
CA ASN B 414 -16.07 -0.80 -9.31
C ASN B 414 -17.44 -0.78 -8.70
N GLN B 415 -17.70 -1.67 -7.73
CA GLN B 415 -19.00 -1.83 -7.10
C GLN B 415 -19.28 -0.86 -5.94
N PRO B 416 -20.30 0.02 -6.06
CA PRO B 416 -20.66 0.88 -4.92
C PRO B 416 -21.54 0.13 -3.91
N TYR B 417 -21.82 0.80 -2.79
CA TYR B 417 -22.68 0.29 -1.72
C TYR B 417 -24.10 0.81 -1.94
N CYS B 418 -25.10 0.04 -1.51
CA CYS B 418 -26.47 0.47 -1.62
C CYS B 418 -26.87 1.03 -0.27
N LEU B 419 -26.38 2.23 0.03
CA LEU B 419 -26.61 2.93 1.28
C LEU B 419 -26.81 4.40 0.95
N ARG B 420 -27.81 5.03 1.56
CA ARG B 420 -28.15 6.44 1.36
C ARG B 420 -27.15 7.32 2.11
N VAL B 421 -26.62 8.35 1.44
CA VAL B 421 -25.73 9.33 2.09
C VAL B 421 -26.60 10.21 2.96
N GLU B 422 -26.06 10.62 4.10
CA GLU B 422 -26.65 11.57 5.03
C GLU B 422 -25.57 12.66 5.07
N SER B 423 -25.80 13.74 4.34
CA SER B 423 -24.89 14.88 4.18
C SER B 423 -24.36 15.51 5.44
N ASP B 424 -25.15 15.56 6.52
CA ASP B 424 -24.71 16.16 7.79
C ASP B 424 -23.77 15.26 8.57
N ILE B 425 -24.02 13.94 8.57
CA ILE B 425 -23.18 12.95 9.25
C ILE B 425 -21.90 12.84 8.42
N LYS B 426 -22.03 12.92 7.10
CA LYS B 426 -20.89 12.86 6.20
C LYS B 426 -19.93 13.99 6.51
N ARG B 427 -20.42 15.23 6.52
CA ARG B 427 -19.61 16.42 6.77
C ARG B 427 -18.93 16.38 8.16
N PHE B 428 -19.67 15.88 9.16
CA PHE B 428 -19.15 15.70 10.52
C PHE B 428 -17.86 14.86 10.48
N PHE B 429 -17.94 13.70 9.82
CA PHE B 429 -16.79 12.79 9.71
C PHE B 429 -15.73 13.34 8.80
N GLU B 430 -16.10 14.00 7.69
CA GLU B 430 -15.12 14.64 6.80
C GLU B 430 -14.26 15.72 7.52
N ASN B 431 -14.87 16.43 8.49
CA ASN B 431 -14.23 17.51 9.25
C ASN B 431 -13.67 17.13 10.60
N LEU B 432 -13.67 15.84 10.99
CA LEU B 432 -13.06 15.44 12.26
C LEU B 432 -11.61 15.88 12.30
N ASN B 433 -11.21 16.53 13.38
CA ASN B 433 -9.83 16.89 13.59
C ASN B 433 -9.45 16.61 15.07
N PRO B 434 -9.32 15.32 15.47
CA PRO B 434 -8.97 15.03 16.88
C PRO B 434 -7.70 15.72 17.36
N MET B 435 -6.64 15.74 16.51
CA MET B 435 -5.37 16.40 16.85
C MET B 435 -5.46 17.90 17.06
N GLY B 436 -6.44 18.57 16.45
CA GLY B 436 -6.58 20.02 16.53
C GLY B 436 -5.36 20.68 15.90
N ASN B 437 -4.77 21.63 16.61
CA ASN B 437 -3.53 22.31 16.16
C ASN B 437 -2.23 21.65 16.69
N SER B 438 -2.30 20.45 17.30
CA SER B 438 -1.12 19.81 17.86
C SER B 438 -0.36 18.96 16.87
N MET B 439 0.87 18.66 17.21
CA MET B 439 1.72 17.83 16.40
C MET B 439 1.50 16.41 16.91
N GLU B 440 1.86 15.41 16.07
CA GLU B 440 1.68 14.00 16.37
C GLU B 440 2.18 13.67 17.78
N LYS B 441 3.45 13.96 18.10
CA LYS B 441 4.04 13.63 19.41
C LYS B 441 3.29 14.30 20.58
N GLU B 442 3.12 15.60 20.49
CA GLU B 442 2.40 16.43 21.46
C GLU B 442 1.01 15.78 21.78
N PHE B 443 0.26 15.36 20.72
CA PHE B 443 -1.07 14.73 20.85
C PHE B 443 -0.98 13.32 21.39
N THR B 444 -0.13 12.54 20.81
CA THR B 444 0.15 11.17 21.24
C THR B 444 0.48 11.11 22.74
N ASP B 445 1.34 12.02 23.23
CA ASP B 445 1.75 12.08 24.64
C ASP B 445 0.61 12.47 25.51
N TYR B 446 -0.22 13.42 25.05
CA TYR B 446 -1.45 13.86 25.73
C TYR B 446 -2.39 12.68 25.89
N LEU B 447 -2.60 11.91 24.81
CA LEU B 447 -3.47 10.75 24.89
C LEU B 447 -2.96 9.75 25.92
N PHE B 448 -1.64 9.49 25.95
CA PHE B 448 -1.08 8.52 26.90
C PHE B 448 -1.16 9.02 28.37
N ASN B 449 -0.88 10.31 28.57
CA ASN B 449 -0.95 10.91 29.88
C ASN B 449 -2.38 10.82 30.39
N LYS B 450 -3.35 11.08 29.53
CA LYS B 450 -4.77 10.90 29.87
C LYS B 450 -5.03 9.46 30.27
N SER B 451 -4.46 8.49 29.53
CA SER B 451 -4.63 7.08 29.87
C SER B 451 -4.11 6.79 31.29
N LEU B 452 -2.90 7.28 31.62
CA LEU B 452 -2.31 7.14 32.97
C LEU B 452 -3.16 7.88 34.01
N GLU B 453 -3.71 9.05 33.67
CA GLU B 453 -4.56 9.78 34.59
C GLU B 453 -5.76 8.97 35.00
N ILE B 454 -6.51 8.43 34.02
CA ILE B 454 -7.78 7.73 34.27
C ILE B 454 -7.62 6.32 34.83
N GLU B 455 -6.50 5.68 34.56
CA GLU B 455 -6.19 4.34 35.05
C GLU B 455 -4.70 4.31 35.34
N PRO B 456 -4.33 4.78 36.55
CA PRO B 456 -2.91 4.84 36.91
C PRO B 456 -2.18 3.51 36.93
N ARG B 457 -0.86 3.59 36.84
CA ARG B 457 -0.02 2.41 36.83
C ARG B 457 -0.08 1.75 38.23
N ASN B 458 -0.04 0.41 38.31
CA ASN B 458 -0.07 -0.24 39.62
C ASN B 458 1.16 0.17 40.48
N PRO B 459 1.04 0.14 41.82
CA PRO B 459 -0.14 -0.24 42.63
C PRO B 459 -1.07 0.94 42.95
N LYS B 460 -0.97 2.09 42.19
CA LYS B 460 -1.83 3.24 42.44
C LYS B 460 -3.29 2.83 42.29
N PRO B 461 -4.14 2.99 43.33
CA PRO B 461 -5.54 2.55 43.23
C PRO B 461 -6.32 3.38 42.21
N LEU B 462 -7.47 2.84 41.80
CA LEU B 462 -8.25 3.50 40.76
C LEU B 462 -8.98 4.74 41.28
N PRO B 463 -8.70 5.95 40.76
CA PRO B 463 -9.49 7.11 41.18
C PRO B 463 -10.91 7.07 40.58
N ARG B 464 -11.79 7.95 41.03
CA ARG B 464 -13.16 8.05 40.48
C ARG B 464 -13.26 9.42 39.84
N PHE B 465 -14.01 9.51 38.74
CA PHE B 465 -14.13 10.77 37.99
C PHE B 465 -15.59 11.10 37.75
N PRO B 466 -15.94 12.38 37.72
CA PRO B 466 -17.33 12.72 37.51
C PRO B 466 -17.80 12.42 36.08
N LYS B 467 -19.11 12.12 35.96
CA LYS B 467 -19.75 11.88 34.67
C LYS B 467 -19.80 13.20 33.85
N LYS B 468 -19.68 13.09 32.51
CA LYS B 468 -19.71 14.22 31.57
C LYS B 468 -20.87 14.15 30.54
N TYR B 469 -21.60 13.01 30.44
CA TYR B 469 -22.69 12.89 29.48
C TYR B 469 -24.03 13.06 30.18
N SER B 470 -24.74 14.12 29.78
CA SER B 470 -26.06 14.48 30.26
C SER B 470 -27.20 13.66 29.61
N TYR B 471 -26.89 12.81 28.60
CA TYR B 471 -27.87 11.96 27.86
C TYR B 471 -27.68 10.49 28.23
N PRO B 472 -28.60 9.57 27.86
CA PRO B 472 -28.43 8.17 28.26
C PRO B 472 -27.37 7.43 27.44
N LEU B 473 -26.67 6.51 28.09
CA LEU B 473 -25.55 5.77 27.50
C LEU B 473 -25.99 4.46 26.93
N LYS B 474 -27.25 4.05 27.10
CA LYS B 474 -27.68 2.73 26.58
C LYS B 474 -27.64 2.80 25.07
N SER B 475 -27.03 1.80 24.47
CA SER B 475 -26.96 1.74 23.02
C SER B 475 -28.32 1.35 22.40
N PRO B 476 -28.65 1.86 21.19
CA PRO B 476 -29.85 1.39 20.50
C PRO B 476 -29.65 0.02 19.83
N GLY B 477 -28.41 -0.48 19.81
CA GLY B 477 -28.08 -1.75 19.19
C GLY B 477 -27.68 -1.60 17.74
N VAL B 478 -27.18 -2.69 17.14
CA VAL B 478 -26.73 -2.78 15.74
C VAL B 478 -27.77 -3.41 14.80
N ARG B 479 -28.96 -3.75 15.31
CA ARG B 479 -30.00 -4.37 14.49
C ARG B 479 -30.92 -3.24 14.04
N PRO B 480 -31.25 -3.11 12.73
CA PRO B 480 -32.08 -1.96 12.31
C PRO B 480 -33.48 -1.94 12.90
N SER B 481 -33.89 -0.75 13.34
CA SER B 481 -35.16 -0.48 13.98
C SER B 481 -36.32 -0.54 12.99
N ASN B 482 -36.05 -0.22 11.70
CA ASN B 482 -37.04 -0.18 10.61
C ASN B 482 -36.79 -1.33 9.60
N PRO B 483 -37.86 -1.99 9.06
CA PRO B 483 -37.63 -3.03 8.04
C PRO B 483 -37.53 -2.41 6.64
O2 6W2 C . -8.16 -7.87 19.70
S 6W2 C . -7.83 -7.70 21.07
O1 6W2 C . -8.81 -8.02 22.07
N 6W2 C . -7.43 -6.08 21.23
C7 6W2 C . -7.51 -5.39 22.38
S1 6W2 C . -8.13 -6.00 23.87
C9 6W2 C . -7.87 -4.48 24.57
C8 6W2 C . -7.36 -3.64 23.68
N1 6W2 C . -7.14 -4.14 22.42
C4 6W2 C . -6.37 -8.60 21.42
C3 6W2 C . -5.16 -7.93 21.50
C2 6W2 C . -4.00 -8.62 21.79
C5 6W2 C . -6.43 -9.96 21.60
C6 6W2 C . -5.27 -10.67 21.89
C1 6W2 C . -4.05 -9.99 21.99
O 6W2 C . -2.81 -10.50 22.28
C 6W2 C . -2.68 -11.90 22.51
#